data_1BCR
#
_entry.id   1BCR
#
_cell.length_a   98.400
_cell.length_b   98.400
_cell.length_c   209.500
_cell.angle_alpha   90.00
_cell.angle_beta   90.00
_cell.angle_gamma   90.00
#
_symmetry.space_group_name_H-M   'P 41 21 2'
#
loop_
_entity.id
_entity.type
_entity.pdbx_description
1 polymer 'SERINE CARBOXYPEPTIDASE II'
2 polymer 'SERINE CARBOXYPEPTIDASE II'
3 polymer ANTIPAIN
4 branched alpha-L-fucopyranose-(1-3)-[2-acetamido-2-deoxy-beta-D-glucopyranose-(1-4)]2-acetamido-2-deoxy-beta-D-glucopyranose
5 branched 2-acetamido-2-deoxy-beta-D-glucopyranose-(1-4)-2-acetamido-2-deoxy-beta-D-glucopyranose
6 non-polymer 2-acetamido-2-deoxy-beta-D-glucopyranose
7 non-polymer ARGININE
8 water water
#
loop_
_entity_poly.entity_id
_entity_poly.type
_entity_poly.pdbx_seq_one_letter_code
_entity_poly.pdbx_strand_id
1 'polypeptide(L)'
;VEPSGHAADRIARLPGQPAVDFDMYSGYITVDEGAGRSLFYLLQEAPEDAQPAPLVLWLNGGPGCSSVAYGASEELGAFR
VKPRGAGLVLNEYRWNKVANVLFLDSPAGVGFSYTNTSSDIYTSGDNRTAHDSYAFLAKWFERFPHYKYRDFYIAGESYA
GHYVPELSQLVHRSKNPVINLKGFMVGNGLIDDYHDYVGTFEFWWNHGIVSDDTYRRLKEACLHDSFIHPSPACDAATDV
ATAEQGNIDMYSLYTPVCNITSS
;
A
2 'polypeptide(L)'
;TGSYDPCTERYSTAYYNRRDVQMALHANVTGAMNYTWATCSDTINTHWHDAPRSMLPIYRELIAAGLRIWVFSGDTDAVV
PLTATRYSIGALGLPTTTSWYPWYDDQEVGGWSQVYKGLTLVSVRGAGHEVPLHRPRQALVLFQYFLQGKPMPGQTKNAT
;
B
3 'polypeptide(L)' (FC0)RV(OAR) C
#
# COMPACT_ATOMS: atom_id res chain seq x y z
N HIS A 6 -23.11 3.19 11.98
CA HIS A 6 -21.79 2.60 11.97
C HIS A 6 -21.73 1.45 12.95
N ALA A 7 -22.59 1.58 13.97
CA ALA A 7 -22.71 0.59 15.02
C ALA A 7 -23.01 -0.76 14.44
N ALA A 8 -23.62 -0.70 13.29
CA ALA A 8 -23.95 -1.87 12.55
C ALA A 8 -22.75 -2.56 11.88
N ASP A 9 -21.61 -1.84 11.62
CA ASP A 9 -20.45 -2.42 10.93
C ASP A 9 -19.44 -3.07 11.84
N ARG A 10 -19.80 -2.99 13.08
CA ARG A 10 -19.03 -3.50 14.14
C ARG A 10 -18.90 -5.01 14.12
N ILE A 11 -17.69 -5.46 14.37
CA ILE A 11 -17.35 -6.86 14.41
C ILE A 11 -17.29 -7.30 15.85
N ALA A 12 -18.01 -8.38 16.11
CA ALA A 12 -18.02 -8.91 17.43
C ALA A 12 -16.73 -9.63 17.61
N ARG A 13 -16.57 -10.61 16.75
CA ARG A 13 -15.38 -11.41 16.75
C ARG A 13 -15.29 -12.22 15.50
N LEU A 14 -14.07 -12.30 15.02
CA LEU A 14 -13.83 -13.12 13.87
C LEU A 14 -13.52 -14.52 14.33
N PRO A 15 -13.89 -15.46 13.52
CA PRO A 15 -13.60 -16.84 13.79
C PRO A 15 -12.11 -16.98 13.99
N GLY A 16 -11.77 -17.71 15.02
CA GLY A 16 -10.39 -17.97 15.37
C GLY A 16 -9.69 -16.77 16.02
N GLN A 17 -10.39 -15.66 16.16
CA GLN A 17 -9.73 -14.51 16.73
C GLN A 17 -9.43 -14.57 18.23
N PRO A 18 -8.29 -14.07 18.65
CA PRO A 18 -7.98 -14.02 20.06
C PRO A 18 -8.69 -12.81 20.65
N ALA A 19 -8.60 -12.68 21.98
CA ALA A 19 -9.25 -11.57 22.66
C ALA A 19 -8.41 -10.31 22.57
N VAL A 20 -9.05 -9.19 22.28
CA VAL A 20 -8.35 -7.93 22.14
C VAL A 20 -9.05 -6.80 22.89
N ASP A 21 -8.41 -5.64 22.94
CA ASP A 21 -8.89 -4.48 23.70
C ASP A 21 -9.18 -3.23 22.84
N PHE A 22 -9.57 -3.46 21.60
CA PHE A 22 -9.88 -2.37 20.72
C PHE A 22 -11.02 -2.81 19.79
N ASP A 23 -11.74 -1.85 19.26
CA ASP A 23 -12.84 -2.20 18.43
C ASP A 23 -12.39 -2.29 16.98
N MET A 24 -13.20 -2.98 16.20
CA MET A 24 -12.97 -3.16 14.78
C MET A 24 -14.29 -2.98 14.04
N TYR A 25 -14.32 -2.48 12.80
CA TYR A 25 -15.57 -2.38 12.09
C TYR A 25 -15.39 -2.61 10.67
N SER A 26 -16.42 -3.15 10.00
CA SER A 26 -16.32 -3.32 8.55
C SER A 26 -17.64 -3.36 7.89
N GLY A 27 -17.65 -2.95 6.65
CA GLY A 27 -18.85 -2.94 5.87
C GLY A 27 -18.62 -2.29 4.53
N TYR A 28 -19.74 -1.98 3.85
CA TYR A 28 -19.69 -1.36 2.56
C TYR A 28 -20.17 0.07 2.53
N ILE A 29 -19.78 0.73 1.46
CA ILE A 29 -20.09 2.11 1.15
C ILE A 29 -20.13 2.31 -0.36
N THR A 30 -21.33 2.63 -0.80
CA THR A 30 -21.65 2.82 -2.18
C THR A 30 -21.09 4.14 -2.67
N VAL A 31 -20.30 4.11 -3.74
CA VAL A 31 -19.66 5.31 -4.19
C VAL A 31 -20.19 5.82 -5.52
N ASP A 32 -20.96 4.93 -6.18
CA ASP A 32 -21.68 5.24 -7.43
C ASP A 32 -23.00 4.51 -7.36
N GLU A 33 -24.04 5.25 -6.91
CA GLU A 33 -25.38 4.70 -6.75
C GLU A 33 -25.90 4.15 -8.08
N GLY A 34 -25.54 4.85 -9.17
CA GLY A 34 -25.93 4.46 -10.50
C GLY A 34 -25.38 3.11 -10.89
N ALA A 35 -24.06 3.03 -10.98
CA ALA A 35 -23.36 1.83 -11.37
C ALA A 35 -23.44 0.72 -10.34
N GLY A 36 -23.72 1.10 -9.11
CA GLY A 36 -23.82 0.08 -8.08
C GLY A 36 -22.44 -0.39 -7.62
N ARG A 37 -21.61 0.61 -7.40
CA ARG A 37 -20.27 0.37 -6.93
C ARG A 37 -20.19 0.57 -5.40
N SER A 38 -19.75 -0.48 -4.73
CA SER A 38 -19.62 -0.48 -3.30
C SER A 38 -18.21 -0.96 -2.89
N LEU A 39 -17.53 -0.16 -2.09
CA LEU A 39 -16.21 -0.50 -1.60
C LEU A 39 -16.28 -0.96 -0.16
N PHE A 40 -15.60 -2.05 0.12
CA PHE A 40 -15.51 -2.63 1.45
C PHE A 40 -14.36 -2.04 2.26
N TYR A 41 -14.57 -1.86 3.54
CA TYR A 41 -13.54 -1.34 4.36
C TYR A 41 -13.46 -2.12 5.60
N LEU A 42 -12.37 -1.89 6.24
CA LEU A 42 -12.08 -2.50 7.51
C LEU A 42 -11.30 -1.50 8.34
N LEU A 43 -11.80 -1.26 9.53
CA LEU A 43 -11.18 -0.32 10.41
C LEU A 43 -10.81 -0.96 11.69
N GLN A 44 -9.56 -0.80 12.07
CA GLN A 44 -9.07 -1.36 13.31
C GLN A 44 -8.63 -0.20 14.14
N GLU A 45 -9.28 0.00 15.29
CA GLU A 45 -8.89 1.14 16.08
C GLU A 45 -7.84 0.85 17.11
N ALA A 46 -7.43 1.95 17.69
CA ALA A 46 -6.48 1.96 18.74
C ALA A 46 -7.24 1.76 20.01
N PRO A 47 -6.58 1.17 20.94
CA PRO A 47 -7.14 0.95 22.24
C PRO A 47 -7.53 2.31 22.83
N GLU A 48 -8.57 2.33 23.65
CA GLU A 48 -9.13 3.58 24.24
C GLU A 48 -8.18 4.53 24.88
N ASP A 49 -7.26 4.00 25.64
CA ASP A 49 -6.39 4.92 26.34
C ASP A 49 -5.44 5.63 25.40
N ALA A 50 -5.51 5.25 24.13
CA ALA A 50 -4.67 5.93 23.17
C ALA A 50 -5.49 6.95 22.46
N GLN A 51 -6.80 6.81 22.60
CA GLN A 51 -7.73 7.69 21.94
C GLN A 51 -7.69 9.06 22.53
N PRO A 52 -7.97 10.08 21.75
CA PRO A 52 -8.36 10.04 20.34
C PRO A 52 -7.10 10.08 19.43
N ALA A 53 -6.84 9.02 18.69
CA ALA A 53 -5.66 8.98 17.82
C ALA A 53 -5.99 9.35 16.38
N PRO A 54 -4.98 9.47 15.52
CA PRO A 54 -5.33 9.81 14.20
C PRO A 54 -5.90 8.66 13.46
N LEU A 55 -6.29 9.08 12.28
CA LEU A 55 -6.87 8.17 11.37
C LEU A 55 -5.97 8.07 10.17
N VAL A 56 -5.81 6.84 9.78
CA VAL A 56 -4.94 6.52 8.69
C VAL A 56 -5.57 5.59 7.69
N LEU A 57 -5.61 6.06 6.46
CA LEU A 57 -6.20 5.23 5.46
C LEU A 57 -5.06 4.49 4.76
N TRP A 58 -5.07 3.18 4.76
CA TRP A 58 -3.96 2.49 4.13
C TRP A 58 -4.36 1.86 2.79
N LEU A 59 -3.52 2.00 1.74
CA LEU A 59 -3.87 1.40 0.45
C LEU A 59 -2.81 0.48 -0.14
N ASN A 60 -3.23 -0.71 -0.55
CA ASN A 60 -2.33 -1.61 -1.24
C ASN A 60 -2.38 -1.28 -2.75
N GLY A 61 -1.65 -1.99 -3.61
CA GLY A 61 -1.64 -1.59 -4.98
C GLY A 61 -2.12 -2.64 -5.93
N GLY A 62 -1.21 -3.04 -6.80
CA GLY A 62 -1.48 -4.02 -7.82
C GLY A 62 -1.12 -3.36 -9.17
N PRO A 63 -2.00 -2.55 -9.75
CA PRO A 63 -3.34 -2.24 -9.30
C PRO A 63 -4.09 -3.52 -9.31
N GLY A 64 -5.11 -3.65 -8.42
CA GLY A 64 -5.90 -4.87 -8.39
C GLY A 64 -5.77 -5.66 -7.14
N CYS A 65 -4.91 -5.17 -6.23
CA CYS A 65 -4.71 -5.92 -4.99
C CYS A 65 -5.43 -5.30 -3.83
N SER A 66 -5.88 -6.19 -3.00
CA SER A 66 -6.68 -5.85 -1.85
C SER A 66 -5.92 -5.32 -0.63
N SER A 67 -6.42 -4.22 -0.09
CA SER A 67 -5.80 -3.73 1.12
C SER A 67 -6.09 -4.62 2.33
N VAL A 68 -7.15 -5.42 2.30
CA VAL A 68 -7.45 -6.28 3.42
C VAL A 68 -6.49 -7.42 3.51
N ALA A 69 -6.27 -8.06 2.36
CA ALA A 69 -5.38 -9.21 2.19
C ALA A 69 -3.94 -8.98 2.55
N TYR A 70 -3.44 -7.85 2.11
CA TYR A 70 -2.06 -7.54 2.41
C TYR A 70 -1.85 -6.75 3.67
N GLY A 71 -2.19 -5.48 3.51
CA GLY A 71 -2.08 -4.51 4.55
C GLY A 71 -2.60 -5.06 5.87
N ALA A 72 -3.86 -5.43 5.84
CA ALA A 72 -4.41 -5.86 7.09
C ALA A 72 -4.09 -7.25 7.50
N SER A 73 -3.89 -8.16 6.57
CA SER A 73 -3.69 -9.55 6.98
C SER A 73 -2.27 -10.11 7.03
N GLU A 74 -1.34 -9.48 6.37
CA GLU A 74 0.01 -9.98 6.46
C GLU A 74 1.04 -8.85 6.49
N GLU A 75 0.64 -7.69 6.98
CA GLU A 75 1.54 -6.58 7.09
C GLU A 75 1.36 -5.81 8.37
N LEU A 76 0.77 -4.65 8.31
CA LEU A 76 0.64 -3.90 9.55
C LEU A 76 -0.66 -4.07 10.30
N GLY A 77 -1.63 -4.77 9.76
CA GLY A 77 -2.87 -4.96 10.48
C GLY A 77 -2.63 -5.66 11.80
N ALA A 78 -3.72 -5.81 12.56
CA ALA A 78 -3.70 -6.39 13.90
C ALA A 78 -3.53 -7.89 14.02
N PHE A 79 -3.95 -8.65 13.05
CA PHE A 79 -3.80 -10.10 13.10
C PHE A 79 -3.08 -10.70 11.90
N ARG A 80 -2.60 -11.90 12.13
CA ARG A 80 -1.95 -12.67 11.12
C ARG A 80 -2.70 -13.98 11.03
N VAL A 81 -2.90 -14.49 9.84
CA VAL A 81 -3.62 -15.71 9.61
C VAL A 81 -2.80 -16.95 9.83
N LYS A 82 -3.34 -17.85 10.61
CA LYS A 82 -2.66 -19.09 10.80
C LYS A 82 -2.64 -19.85 9.48
N PRO A 83 -1.83 -20.87 9.48
CA PRO A 83 -1.67 -21.73 8.35
C PRO A 83 -2.93 -22.51 8.11
N ARG A 84 -3.23 -22.69 6.82
CA ARG A 84 -4.43 -23.35 6.34
C ARG A 84 -5.63 -22.46 6.60
N GLY A 85 -5.34 -21.19 6.84
CA GLY A 85 -6.37 -20.20 7.14
C GLY A 85 -7.23 -20.70 8.29
N ALA A 86 -6.60 -21.11 9.37
CA ALA A 86 -7.40 -21.66 10.43
C ALA A 86 -7.51 -20.83 11.67
N GLY A 87 -7.25 -19.57 11.57
CA GLY A 87 -7.33 -18.80 12.76
C GLY A 87 -6.37 -17.67 12.60
N LEU A 88 -6.40 -16.89 13.61
CA LEU A 88 -5.63 -15.72 13.66
C LEU A 88 -4.71 -15.71 14.82
N VAL A 89 -3.74 -14.86 14.66
CA VAL A 89 -2.81 -14.60 15.69
C VAL A 89 -2.55 -13.13 15.64
N LEU A 90 -2.30 -12.59 16.81
CA LEU A 90 -2.09 -11.17 17.01
C LEU A 90 -0.72 -10.66 16.60
N ASN A 91 -0.71 -9.55 15.87
CA ASN A 91 0.56 -8.99 15.50
C ASN A 91 1.00 -7.96 16.49
N GLU A 92 2.03 -8.30 17.14
CA GLU A 92 2.55 -7.39 18.12
C GLU A 92 2.98 -6.04 17.61
N TYR A 93 3.25 -5.96 16.30
CA TYR A 93 3.74 -4.71 15.74
C TYR A 93 2.66 -3.94 14.99
N ARG A 94 1.42 -4.37 15.16
CA ARG A 94 0.31 -3.71 14.50
C ARG A 94 0.31 -2.20 14.63
N TRP A 95 0.02 -1.50 13.55
CA TRP A 95 0.03 -0.03 13.63
C TRP A 95 -1.13 0.50 14.46
N ASN A 96 -2.16 -0.32 14.68
CA ASN A 96 -3.27 0.18 15.44
C ASN A 96 -2.99 0.25 16.91
N LYS A 97 -1.72 0.09 17.25
CA LYS A 97 -1.29 0.22 18.62
C LYS A 97 -1.24 1.71 18.85
N VAL A 98 -1.10 2.46 17.74
CA VAL A 98 -1.02 3.92 17.82
C VAL A 98 -1.97 4.70 16.92
N ALA A 99 -2.69 4.06 16.01
CA ALA A 99 -3.55 4.87 15.20
C ALA A 99 -4.74 4.08 14.82
N ASN A 100 -5.77 4.80 14.39
CA ASN A 100 -6.97 4.18 13.89
C ASN A 100 -6.68 3.93 12.43
N VAL A 101 -6.68 2.66 12.08
CA VAL A 101 -6.30 2.27 10.73
C VAL A 101 -7.46 1.76 9.92
N LEU A 102 -7.61 2.40 8.81
CA LEU A 102 -8.66 2.13 7.89
C LEU A 102 -8.15 1.53 6.60
N PHE A 103 -8.49 0.26 6.37
CA PHE A 103 -8.11 -0.52 5.20
C PHE A 103 -9.25 -0.48 4.19
N LEU A 104 -8.92 -0.09 2.95
CA LEU A 104 -9.87 0.07 1.86
C LEU A 104 -9.59 -0.80 0.66
N ASP A 105 -10.58 -1.58 0.24
CA ASP A 105 -10.42 -2.45 -0.93
C ASP A 105 -10.78 -1.66 -2.14
N SER A 106 -9.84 -1.46 -2.95
CA SER A 106 -10.12 -0.66 -4.04
C SER A 106 -9.14 -0.96 -5.12
N PRO A 107 -9.63 -0.87 -6.35
CA PRO A 107 -10.97 -0.41 -6.58
C PRO A 107 -11.97 -1.52 -6.56
N ALA A 108 -13.17 -1.08 -6.93
CA ALA A 108 -14.33 -1.92 -7.02
C ALA A 108 -13.97 -3.12 -7.84
N GLY A 109 -14.15 -4.31 -7.26
CA GLY A 109 -13.79 -5.51 -7.97
C GLY A 109 -12.60 -6.17 -7.29
N VAL A 110 -12.06 -5.47 -6.31
CA VAL A 110 -10.95 -5.97 -5.59
C VAL A 110 -11.35 -6.39 -4.21
N GLY A 111 -10.80 -7.47 -3.76
CA GLY A 111 -11.08 -7.93 -2.44
C GLY A 111 -12.53 -8.27 -2.27
N PHE A 112 -13.26 -7.46 -1.52
CA PHE A 112 -14.67 -7.66 -1.27
C PHE A 112 -15.47 -6.54 -1.88
N SER A 113 -14.76 -5.56 -2.45
CA SER A 113 -15.46 -4.47 -3.08
C SER A 113 -16.11 -5.01 -4.31
N TYR A 114 -17.23 -4.46 -4.73
CA TYR A 114 -17.85 -5.02 -5.92
C TYR A 114 -18.58 -3.99 -6.78
N THR A 115 -19.02 -4.41 -7.96
CA THR A 115 -19.76 -3.53 -8.88
C THR A 115 -20.93 -4.27 -9.50
N ASN A 116 -22.00 -3.54 -9.88
CA ASN A 116 -23.18 -4.18 -10.46
C ASN A 116 -23.18 -4.10 -11.96
N THR A 117 -22.14 -3.46 -12.44
CA THR A 117 -21.89 -3.17 -13.81
C THR A 117 -20.59 -3.82 -14.26
N SER A 118 -20.67 -5.10 -14.56
CA SER A 118 -19.57 -5.93 -15.01
C SER A 118 -18.52 -5.23 -15.84
N SER A 119 -18.92 -4.18 -16.54
CA SER A 119 -17.98 -3.49 -17.40
C SER A 119 -16.85 -2.81 -16.64
N ASP A 120 -17.23 -2.30 -15.47
CA ASP A 120 -16.36 -1.60 -14.55
C ASP A 120 -15.00 -2.31 -14.40
N ILE A 121 -15.06 -3.62 -14.27
CA ILE A 121 -13.85 -4.30 -14.11
C ILE A 121 -12.95 -4.38 -15.30
N TYR A 122 -13.37 -3.88 -16.41
CA TYR A 122 -12.48 -3.92 -17.53
C TYR A 122 -12.17 -2.51 -17.87
N THR A 123 -12.66 -1.59 -17.06
CA THR A 123 -12.45 -0.25 -17.46
C THR A 123 -11.78 0.68 -16.45
N SER A 124 -11.17 0.07 -15.43
CA SER A 124 -10.52 0.81 -14.35
C SER A 124 -9.34 1.70 -14.74
N GLY A 125 -9.07 2.67 -13.90
CA GLY A 125 -8.04 3.63 -14.23
C GLY A 125 -7.78 4.49 -13.03
N ASP A 126 -6.73 5.27 -13.11
CA ASP A 126 -6.42 6.06 -11.96
C ASP A 126 -7.52 7.00 -11.58
N ASN A 127 -7.95 7.73 -12.59
CA ASN A 127 -8.95 8.74 -12.34
C ASN A 127 -10.19 8.30 -11.62
N ARG A 128 -10.82 7.31 -12.18
CA ARG A 128 -12.02 6.86 -11.58
C ARG A 128 -11.70 6.34 -10.20
N THR A 129 -10.55 5.72 -10.09
CA THR A 129 -10.22 5.18 -8.80
C THR A 129 -10.11 6.26 -7.77
N ALA A 130 -9.54 7.37 -8.19
CA ALA A 130 -9.42 8.45 -7.25
C ALA A 130 -10.78 9.04 -6.86
N HIS A 131 -11.64 9.31 -7.83
CA HIS A 131 -12.94 9.89 -7.52
C HIS A 131 -13.76 8.98 -6.66
N ASP A 132 -13.67 7.69 -6.94
CA ASP A 132 -14.41 6.79 -6.06
C ASP A 132 -13.95 6.81 -4.62
N SER A 133 -12.63 6.92 -4.42
CA SER A 133 -12.08 6.90 -3.05
C SER A 133 -12.46 8.09 -2.22
N TYR A 134 -12.51 9.19 -2.93
CA TYR A 134 -12.90 10.40 -2.31
C TYR A 134 -14.35 10.31 -1.83
N ALA A 135 -15.20 9.86 -2.73
CA ALA A 135 -16.59 9.71 -2.44
C ALA A 135 -16.74 8.88 -1.20
N PHE A 136 -16.08 7.74 -1.25
CA PHE A 136 -16.11 6.81 -0.18
C PHE A 136 -15.84 7.48 1.18
N LEU A 137 -14.83 8.30 1.18
CA LEU A 137 -14.44 8.99 2.38
C LEU A 137 -15.56 9.82 2.98
N ALA A 138 -15.96 10.76 2.13
CA ALA A 138 -16.99 11.68 2.45
C ALA A 138 -18.18 10.95 3.05
N LYS A 139 -18.59 9.87 2.44
CA LYS A 139 -19.67 9.19 3.06
C LYS A 139 -19.23 8.56 4.33
N TRP A 140 -18.07 7.95 4.28
CA TRP A 140 -17.56 7.27 5.43
C TRP A 140 -17.56 8.13 6.67
N PHE A 141 -17.28 9.37 6.49
CA PHE A 141 -17.28 10.23 7.64
C PHE A 141 -18.68 10.52 8.17
N GLU A 142 -19.62 10.42 7.25
CA GLU A 142 -20.95 10.67 7.65
C GLU A 142 -21.35 9.46 8.46
N ARG A 143 -20.78 8.33 8.16
CA ARG A 143 -21.16 7.19 8.95
C ARG A 143 -20.42 7.15 10.28
N PHE A 144 -19.24 7.76 10.32
CA PHE A 144 -18.46 7.80 11.53
C PHE A 144 -18.15 9.23 11.90
N PRO A 145 -19.21 9.97 12.20
CA PRO A 145 -19.13 11.38 12.52
C PRO A 145 -18.14 11.75 13.65
N HIS A 146 -17.84 10.81 14.56
CA HIS A 146 -16.90 11.20 15.61
C HIS A 146 -15.48 11.32 15.07
N TYR A 147 -15.28 10.91 13.80
CA TYR A 147 -13.97 11.02 13.21
C TYR A 147 -13.78 12.35 12.50
N LYS A 148 -14.81 13.14 12.43
CA LYS A 148 -14.69 14.37 11.71
C LYS A 148 -13.64 15.21 12.34
N TYR A 149 -12.83 15.86 11.53
CA TYR A 149 -11.78 16.68 12.03
C TYR A 149 -10.59 15.95 12.66
N ARG A 150 -10.62 14.66 12.68
CA ARG A 150 -9.48 13.99 13.27
C ARG A 150 -8.29 14.13 12.33
N ASP A 151 -7.07 14.18 12.87
CA ASP A 151 -5.90 14.25 12.01
C ASP A 151 -5.97 13.02 11.17
N PHE A 152 -5.72 13.26 9.95
CA PHE A 152 -5.85 12.20 9.04
C PHE A 152 -4.68 12.10 8.05
N TYR A 153 -4.27 10.88 7.77
CA TYR A 153 -3.19 10.61 6.86
C TYR A 153 -3.50 9.51 5.89
N ILE A 154 -2.88 9.61 4.70
CA ILE A 154 -3.06 8.56 3.75
C ILE A 154 -1.75 7.86 3.47
N ALA A 155 -1.81 6.56 3.29
CA ALA A 155 -0.63 5.78 3.02
C ALA A 155 -0.86 4.43 2.30
N GLY A 156 0.22 3.92 1.69
CA GLY A 156 0.19 2.64 0.98
C GLY A 156 1.54 2.31 0.31
N GLU A 157 1.58 1.18 -0.42
CA GLU A 157 2.76 0.67 -1.12
C GLU A 157 2.59 0.52 -2.60
N SER A 158 3.75 0.35 -3.22
CA SER A 158 3.84 0.00 -4.61
C SER A 158 2.95 0.84 -5.52
N TYR A 159 2.00 0.20 -6.22
CA TYR A 159 1.11 0.92 -7.12
C TYR A 159 0.35 2.01 -6.42
N ALA A 160 0.22 1.86 -5.07
CA ALA A 160 -0.39 2.95 -4.33
C ALA A 160 0.46 4.21 -4.40
N GLY A 161 1.59 4.15 -5.12
CA GLY A 161 2.45 5.31 -5.31
C GLY A 161 1.67 6.30 -6.16
N HIS A 162 0.73 5.72 -6.91
CA HIS A 162 -0.17 6.46 -7.76
C HIS A 162 -1.36 6.91 -6.91
N TYR A 163 -2.05 5.93 -6.34
CA TYR A 163 -3.19 6.17 -5.50
C TYR A 163 -3.06 7.30 -4.49
N VAL A 164 -2.13 7.16 -3.60
CA VAL A 164 -1.98 8.12 -2.49
C VAL A 164 -1.95 9.60 -2.82
N PRO A 165 -1.04 9.93 -3.64
CA PRO A 165 -0.86 11.30 -4.03
C PRO A 165 -2.04 11.77 -4.84
N GLU A 166 -2.54 10.90 -5.71
CA GLU A 166 -3.69 11.30 -6.49
C GLU A 166 -4.86 11.63 -5.58
N LEU A 167 -5.16 10.69 -4.74
CA LEU A 167 -6.24 10.88 -3.81
C LEU A 167 -5.92 12.01 -2.91
N SER A 168 -4.65 12.12 -2.50
CA SER A 168 -4.35 13.19 -1.57
C SER A 168 -4.64 14.50 -2.25
N GLN A 169 -4.45 14.48 -3.55
CA GLN A 169 -4.68 15.71 -4.25
C GLN A 169 -6.14 16.10 -4.36
N LEU A 170 -7.00 15.09 -4.56
CA LEU A 170 -8.38 15.37 -4.59
C LEU A 170 -8.80 16.02 -3.31
N VAL A 171 -8.56 15.29 -2.23
CA VAL A 171 -8.94 15.70 -0.90
C VAL A 171 -8.56 17.13 -0.66
N HIS A 172 -7.37 17.45 -1.05
CA HIS A 172 -6.84 18.76 -0.86
C HIS A 172 -7.55 19.84 -1.67
N ARG A 173 -7.76 19.58 -2.94
CA ARG A 173 -8.42 20.52 -3.80
C ARG A 173 -9.86 20.76 -3.35
N SER A 174 -10.47 19.66 -2.91
CA SER A 174 -11.84 19.61 -2.45
C SER A 174 -12.16 20.56 -1.33
N LYS A 175 -11.27 20.67 -0.38
CA LYS A 175 -11.51 21.58 0.70
C LYS A 175 -12.60 21.14 1.68
N ASN A 176 -12.92 19.85 1.75
CA ASN A 176 -13.92 19.45 2.72
C ASN A 176 -13.28 19.65 4.09
N PRO A 177 -14.03 20.26 4.98
CA PRO A 177 -13.46 20.62 6.28
C PRO A 177 -13.53 19.56 7.31
N VAL A 178 -14.38 18.57 7.10
CA VAL A 178 -14.44 17.54 8.08
C VAL A 178 -13.20 16.70 8.01
N ILE A 179 -12.47 16.89 6.91
CA ILE A 179 -11.26 16.13 6.67
C ILE A 179 -9.95 16.87 6.93
N ASN A 180 -9.34 16.60 8.06
CA ASN A 180 -8.09 17.24 8.37
C ASN A 180 -6.89 16.44 7.79
N LEU A 181 -6.63 16.52 6.44
CA LEU A 181 -5.51 15.76 5.83
C LEU A 181 -4.24 16.41 6.29
N LYS A 182 -3.37 15.62 6.92
CA LYS A 182 -2.13 16.19 7.40
C LYS A 182 -0.93 15.75 6.55
N GLY A 183 -1.10 14.69 5.79
CA GLY A 183 -0.01 14.25 4.94
C GLY A 183 -0.14 12.82 4.49
N PHE A 184 0.93 12.38 3.88
CA PHE A 184 0.93 11.03 3.41
C PHE A 184 2.30 10.45 3.36
N MET A 185 2.29 9.18 3.08
CA MET A 185 3.48 8.40 3.07
C MET A 185 3.35 7.27 2.12
N VAL A 186 4.39 7.05 1.33
CA VAL A 186 4.42 6.01 0.33
C VAL A 186 5.66 5.16 0.52
N GLY A 187 5.50 3.84 0.38
CA GLY A 187 6.61 2.90 0.53
C GLY A 187 6.80 2.08 -0.74
N ASN A 188 8.06 1.97 -1.19
CA ASN A 188 8.42 1.24 -2.39
C ASN A 188 7.48 1.59 -3.50
N GLY A 189 7.24 2.86 -3.75
CA GLY A 189 6.23 3.15 -4.71
C GLY A 189 6.59 3.82 -5.98
N LEU A 190 5.71 3.61 -6.97
CA LEU A 190 5.93 4.28 -8.25
C LEU A 190 5.89 5.77 -8.05
N ILE A 191 6.73 6.43 -8.82
CA ILE A 191 6.80 7.86 -8.73
C ILE A 191 7.01 8.55 -10.07
N ASP A 192 7.91 8.01 -10.86
CA ASP A 192 8.22 8.55 -12.13
C ASP A 192 8.76 7.43 -12.95
N ASP A 193 7.99 7.15 -13.96
CA ASP A 193 8.27 6.08 -14.84
C ASP A 193 9.69 6.03 -15.33
N TYR A 194 10.09 7.11 -15.88
CA TYR A 194 11.40 7.12 -16.44
C TYR A 194 12.50 6.89 -15.41
N HIS A 195 12.48 7.61 -14.34
CA HIS A 195 13.50 7.39 -13.37
C HIS A 195 13.43 6.06 -12.73
N ASP A 196 12.23 5.60 -12.50
CA ASP A 196 12.07 4.33 -11.86
C ASP A 196 12.58 3.22 -12.73
N TYR A 197 12.42 3.41 -14.04
CA TYR A 197 12.87 2.37 -14.92
C TYR A 197 14.37 2.23 -14.76
N VAL A 198 15.01 3.38 -14.88
CA VAL A 198 16.41 3.48 -14.72
C VAL A 198 16.92 2.88 -13.41
N GLY A 199 16.50 3.44 -12.27
CA GLY A 199 16.92 2.95 -10.98
C GLY A 199 16.66 1.46 -10.88
N THR A 200 15.54 1.04 -11.42
CA THR A 200 15.22 -0.37 -11.38
C THR A 200 16.30 -1.25 -11.99
N PHE A 201 16.64 -1.01 -13.22
CA PHE A 201 17.65 -1.83 -13.84
C PHE A 201 18.99 -1.77 -13.14
N GLU A 202 19.39 -0.57 -12.79
CA GLU A 202 20.65 -0.38 -12.12
C GLU A 202 20.80 -1.23 -10.87
N PHE A 203 19.78 -1.20 -10.07
CA PHE A 203 19.78 -1.94 -8.85
C PHE A 203 19.82 -3.42 -9.15
N TRP A 204 19.17 -3.83 -10.22
CA TRP A 204 19.17 -5.23 -10.57
C TRP A 204 20.58 -5.64 -10.90
N TRP A 205 21.20 -4.89 -11.81
CA TRP A 205 22.53 -5.24 -12.18
C TRP A 205 23.44 -5.22 -10.97
N ASN A 206 23.18 -4.29 -10.05
CA ASN A 206 23.96 -4.18 -8.83
C ASN A 206 23.63 -5.17 -7.75
N HIS A 207 22.71 -6.09 -8.01
CA HIS A 207 22.36 -7.12 -7.06
C HIS A 207 22.63 -8.48 -7.67
N GLY A 208 23.36 -8.50 -8.78
CA GLY A 208 23.74 -9.72 -9.48
C GLY A 208 22.57 -10.42 -10.16
N ILE A 209 21.54 -9.69 -10.50
CA ILE A 209 20.46 -10.41 -11.12
C ILE A 209 20.26 -10.52 -12.61
N VAL A 210 21.01 -9.77 -13.39
CA VAL A 210 20.84 -9.87 -14.81
C VAL A 210 22.19 -9.74 -15.46
N SER A 211 22.35 -10.35 -16.62
CA SER A 211 23.62 -10.23 -17.27
C SER A 211 23.83 -8.82 -17.72
N ASP A 212 25.02 -8.57 -18.15
CA ASP A 212 25.38 -7.25 -18.62
C ASP A 212 24.61 -6.89 -19.85
N ASP A 213 24.33 -7.90 -20.68
CA ASP A 213 23.62 -7.63 -21.92
C ASP A 213 22.18 -7.29 -21.69
N THR A 214 21.55 -8.12 -20.87
CA THR A 214 20.19 -7.85 -20.55
C THR A 214 19.98 -6.47 -20.02
N TYR A 215 20.87 -6.07 -19.17
CA TYR A 215 20.77 -4.75 -18.58
C TYR A 215 20.77 -3.66 -19.60
N ARG A 216 21.66 -3.80 -20.54
CA ARG A 216 21.82 -2.84 -21.59
C ARG A 216 20.58 -2.84 -22.47
N ARG A 217 20.05 -4.02 -22.69
CA ARG A 217 18.86 -4.20 -23.48
C ARG A 217 17.64 -3.58 -22.79
N LEU A 218 17.58 -3.74 -21.47
CA LEU A 218 16.47 -3.17 -20.77
C LEU A 218 16.49 -1.67 -20.93
N LYS A 219 17.67 -1.10 -20.77
CA LYS A 219 17.76 0.32 -20.93
C LYS A 219 17.30 0.73 -22.31
N GLU A 220 17.62 -0.06 -23.29
CA GLU A 220 17.20 0.31 -24.63
C GLU A 220 15.72 0.06 -24.90
N ALA A 221 15.17 -1.06 -24.42
CA ALA A 221 13.79 -1.32 -24.68
C ALA A 221 12.82 -0.45 -23.92
N CYS A 222 13.00 -0.35 -22.66
CA CYS A 222 12.02 0.32 -21.87
C CYS A 222 12.08 1.78 -21.57
N LEU A 223 13.10 2.50 -21.92
CA LEU A 223 13.12 3.88 -21.45
C LEU A 223 12.04 4.86 -21.85
N HIS A 224 11.27 4.61 -22.90
CA HIS A 224 10.28 5.59 -23.23
C HIS A 224 8.89 5.16 -22.83
N ASP A 225 8.83 3.98 -22.24
CA ASP A 225 7.61 3.37 -21.87
C ASP A 225 7.10 3.76 -20.54
N SER A 226 5.96 3.24 -20.28
CA SER A 226 5.37 3.47 -19.02
C SER A 226 5.53 2.20 -18.26
N PHE A 227 5.50 2.33 -16.99
CA PHE A 227 5.65 1.19 -16.16
C PHE A 227 4.52 0.21 -16.27
N ILE A 228 3.37 0.75 -16.52
CA ILE A 228 2.17 -0.03 -16.54
C ILE A 228 1.69 -0.50 -17.93
N HIS A 229 2.27 0.06 -18.99
CA HIS A 229 1.93 -0.24 -20.38
C HIS A 229 3.18 -0.25 -21.31
N PRO A 230 4.15 -1.09 -20.98
CA PRO A 230 5.41 -1.23 -21.69
C PRO A 230 5.28 -1.64 -23.15
N SER A 231 6.25 -1.29 -23.98
CA SER A 231 6.20 -1.71 -25.34
C SER A 231 6.55 -3.17 -25.45
N PRO A 232 6.36 -3.72 -26.62
CA PRO A 232 6.71 -5.09 -26.90
C PRO A 232 8.20 -5.31 -26.77
N ALA A 233 8.96 -4.31 -27.15
CA ALA A 233 10.39 -4.39 -27.01
C ALA A 233 10.77 -4.51 -25.54
N CYS A 234 10.17 -3.64 -24.78
CA CYS A 234 10.43 -3.64 -23.38
C CYS A 234 10.02 -4.96 -22.81
N ASP A 235 8.92 -5.49 -23.28
CA ASP A 235 8.52 -6.77 -22.71
C ASP A 235 9.46 -7.85 -23.03
N ALA A 236 9.99 -7.80 -24.22
CA ALA A 236 10.90 -8.83 -24.61
C ALA A 236 12.15 -8.81 -23.73
N ALA A 237 12.66 -7.60 -23.50
CA ALA A 237 13.84 -7.45 -22.71
C ALA A 237 13.49 -8.05 -21.36
N THR A 238 12.31 -7.72 -20.98
CA THR A 238 11.84 -8.17 -19.72
C THR A 238 11.70 -9.68 -19.57
N ASP A 239 11.27 -10.36 -20.61
CA ASP A 239 11.13 -11.80 -20.46
C ASP A 239 12.48 -12.44 -20.17
N VAL A 240 13.52 -11.90 -20.78
CA VAL A 240 14.85 -12.44 -20.58
C VAL A 240 15.36 -12.29 -19.17
N ALA A 241 15.24 -11.05 -18.67
CA ALA A 241 15.70 -10.73 -17.34
C ALA A 241 15.11 -11.70 -16.36
N THR A 242 13.87 -11.89 -16.56
CA THR A 242 13.10 -12.75 -15.75
C THR A 242 13.64 -14.13 -15.69
N ALA A 243 14.13 -14.58 -16.80
CA ALA A 243 14.73 -15.90 -16.92
C ALA A 243 16.10 -15.89 -16.27
N GLU A 244 16.77 -14.75 -16.32
CA GLU A 244 18.06 -14.75 -15.71
C GLU A 244 17.90 -14.73 -14.19
N GLN A 245 16.79 -14.17 -13.70
CA GLN A 245 16.65 -14.11 -12.27
C GLN A 245 16.34 -15.40 -11.63
N GLY A 246 15.65 -16.23 -12.36
CA GLY A 246 15.31 -17.52 -11.79
C GLY A 246 14.25 -17.44 -10.71
N ASN A 247 14.21 -18.50 -9.96
CA ASN A 247 13.25 -18.73 -8.92
C ASN A 247 13.52 -18.16 -7.58
N ILE A 248 13.52 -16.87 -7.49
CA ILE A 248 13.72 -16.26 -6.21
C ILE A 248 12.50 -15.45 -5.98
N ASP A 249 12.43 -14.82 -4.83
CA ASP A 249 11.31 -13.97 -4.54
C ASP A 249 11.70 -12.55 -4.91
N MET A 250 11.16 -12.03 -6.02
CA MET A 250 11.54 -10.68 -6.40
C MET A 250 11.22 -9.61 -5.41
N TYR A 251 10.36 -9.89 -4.43
CA TYR A 251 9.97 -8.90 -3.45
C TYR A 251 10.82 -8.88 -2.22
N SER A 252 11.66 -9.89 -2.11
CA SER A 252 12.54 -10.03 -0.96
C SER A 252 13.67 -10.97 -1.41
N LEU A 253 14.74 -10.36 -1.90
CA LEU A 253 15.83 -11.10 -2.49
C LEU A 253 16.47 -12.18 -1.68
N TYR A 254 16.54 -12.04 -0.40
CA TYR A 254 17.29 -13.02 0.35
C TYR A 254 16.51 -13.87 1.27
N THR A 255 15.24 -14.01 1.00
CA THR A 255 14.37 -14.86 1.77
C THR A 255 13.81 -15.85 0.77
N PRO A 256 13.35 -16.94 1.32
CA PRO A 256 12.85 -18.06 0.56
C PRO A 256 11.53 -17.92 -0.06
N VAL A 257 11.42 -18.66 -1.17
CA VAL A 257 10.19 -18.74 -1.95
C VAL A 257 9.30 -19.73 -1.20
N CYS A 258 8.00 -19.61 -1.40
CA CYS A 258 7.03 -20.49 -0.74
C CYS A 258 6.84 -21.81 -1.50
N ASN A 259 6.70 -22.94 -0.75
CA ASN A 259 6.48 -24.30 -1.32
C ASN A 259 5.01 -24.87 -1.16
N SER B 3 9.48 -15.22 13.43
CA SER B 3 9.77 -16.05 12.28
C SER B 3 9.20 -15.46 10.99
N TYR B 4 9.53 -16.08 9.82
CA TYR B 4 9.03 -15.65 8.52
C TYR B 4 8.45 -16.83 7.77
N ASP B 5 7.35 -16.56 7.10
CA ASP B 5 6.69 -17.57 6.36
C ASP B 5 6.25 -16.88 5.12
N PRO B 6 6.78 -17.39 4.06
CA PRO B 6 6.61 -16.86 2.72
C PRO B 6 5.33 -17.28 2.05
N CYS B 7 4.54 -18.09 2.77
CA CYS B 7 3.32 -18.64 2.23
C CYS B 7 2.03 -17.98 2.73
N THR B 8 2.13 -16.96 3.55
CA THR B 8 1.00 -16.29 4.12
C THR B 8 -0.16 -15.98 3.16
N GLU B 9 0.12 -15.67 1.92
CA GLU B 9 -0.95 -15.38 0.99
C GLU B 9 -1.89 -16.54 0.88
N ARG B 10 -1.31 -17.70 1.03
CA ARG B 10 -2.09 -18.91 0.97
C ARG B 10 -3.04 -19.06 2.15
N TYR B 11 -2.70 -18.51 3.29
CA TYR B 11 -3.58 -18.71 4.41
C TYR B 11 -4.74 -17.80 4.38
N SER B 12 -4.40 -16.59 4.03
CA SER B 12 -5.33 -15.53 3.86
C SER B 12 -6.41 -15.99 2.90
N THR B 13 -5.96 -16.61 1.81
CA THR B 13 -6.90 -17.06 0.79
C THR B 13 -7.93 -18.06 1.29
N ALA B 14 -7.41 -18.94 2.12
CA ALA B 14 -8.18 -19.95 2.74
C ALA B 14 -9.11 -19.28 3.75
N TYR B 15 -8.53 -18.55 4.68
CA TYR B 15 -9.33 -17.90 5.67
C TYR B 15 -10.42 -16.98 5.13
N TYR B 16 -10.14 -16.13 4.20
CA TYR B 16 -11.22 -15.24 3.80
C TYR B 16 -12.28 -15.84 2.90
N ASN B 17 -12.09 -17.08 2.52
CA ASN B 17 -13.07 -17.70 1.66
C ASN B 17 -14.10 -18.53 2.48
N ARG B 18 -13.96 -18.54 3.83
CA ARG B 18 -14.88 -19.24 4.72
C ARG B 18 -16.16 -18.45 4.92
N ARG B 19 -17.31 -19.12 4.90
CA ARG B 19 -18.56 -18.39 5.11
C ARG B 19 -18.63 -17.73 6.48
N ASP B 20 -18.06 -18.47 7.40
CA ASP B 20 -17.83 -18.11 8.76
C ASP B 20 -17.42 -16.63 8.87
N VAL B 21 -16.24 -16.44 8.33
CA VAL B 21 -15.50 -15.22 8.33
C VAL B 21 -16.19 -14.08 7.59
N GLN B 22 -16.58 -14.31 6.35
CA GLN B 22 -17.25 -13.29 5.56
C GLN B 22 -18.44 -12.74 6.29
N MET B 23 -19.05 -13.66 6.93
CA MET B 23 -20.19 -13.39 7.72
C MET B 23 -19.77 -12.48 8.84
N ALA B 24 -18.66 -12.82 9.50
CA ALA B 24 -18.28 -11.98 10.60
C ALA B 24 -17.81 -10.60 10.21
N LEU B 25 -17.59 -10.42 8.92
CA LEU B 25 -17.11 -9.17 8.41
C LEU B 25 -18.17 -8.33 7.81
N HIS B 26 -19.34 -8.96 7.64
CA HIS B 26 -20.45 -8.24 7.04
C HIS B 26 -20.18 -8.16 5.57
N ALA B 27 -19.54 -9.20 5.06
CA ALA B 27 -19.15 -9.16 3.68
C ALA B 27 -19.83 -10.20 2.89
N ASN B 28 -19.95 -9.85 1.61
CA ASN B 28 -20.56 -10.72 0.65
C ASN B 28 -21.90 -11.12 1.22
N VAL B 29 -22.58 -10.06 1.73
CA VAL B 29 -23.89 -10.10 2.36
C VAL B 29 -24.84 -11.08 1.67
N THR B 30 -25.16 -10.76 0.39
CA THR B 30 -26.10 -11.56 -0.38
C THR B 30 -25.64 -13.00 -0.81
N GLY B 31 -24.37 -13.18 -1.23
CA GLY B 31 -23.83 -14.51 -1.72
C GLY B 31 -23.66 -14.36 -3.24
N ALA B 32 -23.89 -13.06 -3.55
CA ALA B 32 -24.02 -12.26 -4.78
C ALA B 32 -22.75 -11.73 -5.41
N MET B 33 -21.63 -12.11 -4.76
CA MET B 33 -20.27 -11.87 -5.16
C MET B 33 -19.94 -13.22 -5.80
N ASN B 34 -20.25 -13.28 -7.11
CA ASN B 34 -20.14 -14.45 -8.00
C ASN B 34 -18.76 -15.01 -8.39
N TYR B 35 -17.94 -15.29 -7.37
CA TYR B 35 -16.58 -15.81 -7.50
C TYR B 35 -15.98 -16.14 -6.13
N THR B 36 -14.71 -16.51 -6.21
CA THR B 36 -13.97 -16.79 -5.01
C THR B 36 -13.19 -15.54 -4.75
N TRP B 37 -12.97 -15.33 -3.46
CA TRP B 37 -12.21 -14.24 -3.01
C TRP B 37 -10.76 -14.52 -3.32
N ALA B 38 -10.15 -13.59 -4.01
CA ALA B 38 -8.75 -13.65 -4.38
C ALA B 38 -8.06 -12.42 -3.77
N THR B 39 -6.79 -12.59 -3.48
CA THR B 39 -5.89 -11.56 -2.95
C THR B 39 -5.73 -10.34 -3.89
N CYS B 40 -5.80 -10.61 -5.21
CA CYS B 40 -5.70 -9.60 -6.26
C CYS B 40 -6.67 -9.93 -7.39
N SER B 41 -7.11 -8.90 -8.11
CA SER B 41 -8.00 -9.09 -9.23
C SER B 41 -7.22 -9.00 -10.49
N ASP B 42 -7.09 -10.17 -11.03
CA ASP B 42 -6.42 -10.44 -12.26
C ASP B 42 -6.84 -9.58 -13.43
N THR B 43 -8.13 -9.59 -13.58
CA THR B 43 -8.77 -8.90 -14.63
C THR B 43 -8.47 -7.43 -14.54
N ILE B 44 -8.70 -6.92 -13.34
CA ILE B 44 -8.45 -5.53 -13.11
C ILE B 44 -7.02 -5.21 -13.47
N ASN B 45 -6.15 -6.01 -12.93
CA ASN B 45 -4.76 -5.85 -13.19
C ASN B 45 -4.40 -5.83 -14.68
N THR B 46 -5.07 -6.65 -15.48
CA THR B 46 -4.76 -6.71 -16.89
C THR B 46 -5.53 -5.78 -17.75
N HIS B 47 -6.50 -5.12 -17.14
CA HIS B 47 -7.31 -4.20 -17.89
C HIS B 47 -7.22 -2.80 -17.42
N TRP B 48 -6.04 -2.39 -16.97
CA TRP B 48 -5.87 -1.04 -16.48
C TRP B 48 -5.79 -0.02 -17.59
N HIS B 49 -6.38 1.13 -17.33
CA HIS B 49 -6.39 2.18 -18.30
C HIS B 49 -5.48 3.34 -18.00
N ASP B 50 -6.02 4.54 -17.72
CA ASP B 50 -5.23 5.77 -17.47
C ASP B 50 -4.27 5.68 -16.28
N ALA B 51 -3.11 6.36 -16.42
CA ALA B 51 -2.04 6.39 -15.40
C ALA B 51 -0.88 7.24 -15.88
N PRO B 52 -0.72 8.39 -15.28
CA PRO B 52 0.36 9.28 -15.69
C PRO B 52 1.73 8.67 -15.52
N ARG B 53 2.67 9.26 -16.20
CA ARG B 53 4.02 8.77 -16.17
C ARG B 53 4.80 9.26 -15.00
N SER B 54 4.38 10.42 -14.50
CA SER B 54 5.03 11.02 -13.38
C SER B 54 4.07 11.46 -12.30
N MET B 55 4.54 11.42 -11.07
CA MET B 55 3.77 11.91 -9.94
C MET B 55 4.39 13.16 -9.37
N LEU B 56 5.53 13.53 -9.91
CA LEU B 56 6.25 14.68 -9.39
C LEU B 56 5.51 16.01 -9.26
N PRO B 57 4.72 16.34 -10.26
CA PRO B 57 3.98 17.56 -10.25
C PRO B 57 3.05 17.67 -9.03
N ILE B 58 2.40 16.52 -8.73
CA ILE B 58 1.56 16.42 -7.56
C ILE B 58 2.36 16.58 -6.32
N TYR B 59 3.56 15.98 -6.33
CA TYR B 59 4.39 16.09 -5.18
C TYR B 59 4.66 17.57 -4.96
N ARG B 60 4.99 18.24 -6.05
CA ARG B 60 5.31 19.63 -5.94
C ARG B 60 4.24 20.46 -5.33
N GLU B 61 3.02 20.15 -5.77
CA GLU B 61 1.83 20.84 -5.33
C GLU B 61 1.61 20.61 -3.85
N LEU B 62 1.61 19.35 -3.41
CA LEU B 62 1.41 19.06 -2.02
C LEU B 62 2.51 19.53 -1.13
N ILE B 63 3.68 19.52 -1.67
CA ILE B 63 4.74 19.99 -0.90
C ILE B 63 4.52 21.44 -0.64
N ALA B 64 4.13 22.09 -1.70
CA ALA B 64 3.88 23.52 -1.63
C ALA B 64 2.71 23.83 -0.68
N ALA B 65 1.86 22.83 -0.48
CA ALA B 65 0.72 22.96 0.38
C ALA B 65 1.09 22.82 1.86
N GLY B 66 2.30 22.35 2.17
CA GLY B 66 2.71 22.20 3.57
C GLY B 66 2.36 20.86 4.19
N LEU B 67 1.91 19.98 3.32
CA LEU B 67 1.55 18.65 3.70
C LEU B 67 2.80 17.92 4.14
N ARG B 68 2.63 16.97 5.03
CA ARG B 68 3.77 16.24 5.44
C ARG B 68 3.96 15.06 4.51
N ILE B 69 5.16 14.97 3.92
CA ILE B 69 5.44 13.89 3.00
C ILE B 69 6.63 13.02 3.33
N TRP B 70 6.37 11.73 3.42
CA TRP B 70 7.37 10.75 3.68
C TRP B 70 7.27 9.62 2.69
N VAL B 71 8.43 9.26 2.14
CA VAL B 71 8.61 8.15 1.24
C VAL B 71 9.61 7.22 1.86
N PHE B 72 9.31 5.95 1.71
CA PHE B 72 10.16 4.92 2.22
C PHE B 72 10.37 3.75 1.30
N SER B 73 11.40 2.95 1.67
CA SER B 73 11.83 1.82 0.90
C SER B 73 12.54 0.70 1.66
N GLY B 74 12.06 -0.50 1.38
CA GLY B 74 12.63 -1.76 1.79
C GLY B 74 13.82 -1.99 0.81
N ASP B 75 15.02 -2.07 1.36
CA ASP B 75 16.18 -2.18 0.54
C ASP B 75 16.56 -3.51 -0.08
N THR B 76 15.75 -4.54 0.08
CA THR B 76 16.01 -5.81 -0.54
C THR B 76 14.88 -6.18 -1.48
N ASP B 77 14.11 -5.15 -1.85
CA ASP B 77 13.02 -5.31 -2.77
C ASP B 77 13.57 -5.18 -4.16
N ALA B 78 13.19 -6.05 -5.05
CA ALA B 78 13.67 -5.89 -6.41
C ALA B 78 12.55 -5.42 -7.34
N VAL B 79 11.33 -5.35 -6.82
CA VAL B 79 10.25 -4.92 -7.67
C VAL B 79 10.17 -3.40 -7.89
N VAL B 80 10.32 -2.65 -6.79
CA VAL B 80 10.34 -1.21 -6.84
C VAL B 80 11.40 -0.75 -5.89
N PRO B 81 12.56 -1.15 -6.28
CA PRO B 81 13.82 -0.97 -5.63
C PRO B 81 14.17 0.42 -5.20
N LEU B 82 14.96 0.42 -4.16
CA LEU B 82 15.47 1.61 -3.59
C LEU B 82 16.09 2.58 -4.58
N THR B 83 16.86 2.10 -5.54
CA THR B 83 17.46 3.04 -6.51
C THR B 83 16.45 3.81 -7.34
N ALA B 84 15.34 3.15 -7.70
CA ALA B 84 14.30 3.83 -8.47
C ALA B 84 13.81 5.05 -7.69
N THR B 85 13.57 4.84 -6.43
CA THR B 85 13.13 5.93 -5.59
C THR B 85 14.14 7.01 -5.45
N ARG B 86 15.38 6.65 -5.29
CA ARG B 86 16.43 7.65 -5.11
C ARG B 86 16.46 8.58 -6.27
N TYR B 87 16.46 8.00 -7.45
CA TYR B 87 16.47 8.84 -8.63
C TYR B 87 15.20 9.66 -8.72
N SER B 88 14.05 9.02 -8.47
CA SER B 88 12.82 9.77 -8.53
C SER B 88 12.80 10.95 -7.60
N ILE B 89 13.00 10.73 -6.28
CA ILE B 89 13.02 11.85 -5.36
C ILE B 89 14.05 12.87 -5.82
N GLY B 90 15.15 12.34 -6.30
CA GLY B 90 16.25 13.17 -6.75
C GLY B 90 15.81 14.23 -7.75
N ALA B 91 14.92 13.84 -8.60
CA ALA B 91 14.42 14.74 -9.62
C ALA B 91 13.55 15.87 -9.12
N LEU B 92 13.08 15.81 -7.89
CA LEU B 92 12.29 16.92 -7.48
C LEU B 92 13.21 18.09 -7.34
N GLY B 93 14.46 17.80 -7.08
CA GLY B 93 15.40 18.87 -6.91
C GLY B 93 15.30 19.63 -5.59
N LEU B 94 14.76 19.02 -4.56
CA LEU B 94 14.68 19.72 -3.30
C LEU B 94 16.01 19.80 -2.65
N PRO B 95 16.10 20.77 -1.79
CA PRO B 95 17.22 21.02 -0.98
C PRO B 95 17.20 20.09 0.20
N THR B 96 18.40 19.90 0.66
CA THR B 96 18.73 19.03 1.75
C THR B 96 18.93 19.80 2.99
N THR B 97 18.29 19.27 3.97
CA THR B 97 18.32 19.77 5.28
C THR B 97 19.15 18.85 6.17
N THR B 98 19.02 17.56 5.95
CA THR B 98 19.80 16.57 6.68
C THR B 98 20.25 15.41 5.78
N SER B 99 21.53 15.44 5.46
CA SER B 99 22.13 14.44 4.60
C SER B 99 21.96 13.02 5.10
N TRP B 100 22.01 12.10 4.13
CA TRP B 100 21.93 10.68 4.31
C TRP B 100 22.60 10.27 5.60
N TYR B 101 21.86 9.72 6.55
CA TYR B 101 22.46 9.33 7.83
C TYR B 101 21.80 8.07 8.38
N PRO B 102 22.53 7.29 9.15
CA PRO B 102 21.96 6.06 9.63
C PRO B 102 21.08 6.26 10.84
N TRP B 103 19.91 5.61 10.81
CA TRP B 103 18.94 5.67 11.86
C TRP B 103 18.91 4.36 12.60
N TYR B 104 18.84 4.47 13.89
CA TYR B 104 18.93 3.34 14.76
C TYR B 104 17.68 2.98 15.46
N ASP B 105 17.62 1.73 15.75
CA ASP B 105 16.56 1.23 16.52
C ASP B 105 17.24 0.23 17.38
N ASP B 106 17.21 0.49 18.67
CA ASP B 106 17.91 -0.40 19.58
C ASP B 106 19.39 -0.19 19.36
N GLN B 107 20.09 -1.30 19.19
CA GLN B 107 21.53 -1.28 18.93
C GLN B 107 21.82 -1.26 17.44
N GLU B 108 20.91 -1.85 16.64
CA GLU B 108 21.12 -1.96 15.22
C GLU B 108 20.73 -0.75 14.40
N VAL B 109 21.29 -0.66 13.20
CA VAL B 109 20.97 0.38 12.26
C VAL B 109 19.67 -0.10 11.59
N GLY B 110 18.60 0.72 11.60
CA GLY B 110 17.33 0.30 11.00
C GLY B 110 17.33 0.55 9.51
N GLY B 111 18.08 1.58 9.12
CA GLY B 111 18.20 1.92 7.74
C GLY B 111 18.81 3.29 7.67
N TRP B 112 18.56 3.97 6.57
CA TRP B 112 19.09 5.30 6.34
C TRP B 112 17.98 6.32 6.10
N SER B 113 18.31 7.58 6.17
CA SER B 113 17.33 8.59 5.97
C SER B 113 17.95 9.88 5.49
N GLN B 114 17.19 10.65 4.75
CA GLN B 114 17.69 11.92 4.29
C GLN B 114 16.53 12.87 4.39
N VAL B 115 16.72 13.93 5.07
CA VAL B 115 15.64 14.86 5.21
C VAL B 115 15.79 16.06 4.27
N TYR B 116 14.92 16.20 3.30
CA TYR B 116 14.96 17.34 2.38
C TYR B 116 14.02 18.41 2.89
N LYS B 117 14.05 19.58 2.26
CA LYS B 117 13.15 20.63 2.68
C LYS B 117 11.80 20.33 2.05
N GLY B 118 10.89 19.81 2.86
CA GLY B 118 9.55 19.44 2.43
C GLY B 118 9.28 17.93 2.28
N LEU B 119 10.28 17.10 2.49
CA LEU B 119 10.06 15.69 2.32
C LEU B 119 11.20 14.94 2.96
N THR B 120 10.85 13.84 3.58
CA THR B 120 11.71 12.97 4.28
C THR B 120 11.74 11.63 3.58
N LEU B 121 12.94 11.07 3.40
CA LEU B 121 13.14 9.81 2.72
C LEU B 121 13.76 8.83 3.69
N VAL B 122 13.22 7.62 3.71
CA VAL B 122 13.73 6.67 4.66
C VAL B 122 13.91 5.29 4.03
N SER B 123 15.02 4.63 4.28
CA SER B 123 15.17 3.25 3.81
C SER B 123 15.18 2.40 5.06
N VAL B 124 14.70 1.15 4.89
CA VAL B 124 14.58 0.13 5.95
C VAL B 124 15.52 -1.04 5.66
N ARG B 125 16.58 -1.08 6.43
CA ARG B 125 17.60 -2.07 6.23
C ARG B 125 17.11 -3.46 6.19
N GLY B 126 17.38 -4.12 5.09
CA GLY B 126 17.02 -5.51 5.03
C GLY B 126 15.58 -5.86 4.72
N ALA B 127 14.69 -4.86 4.58
CA ALA B 127 13.30 -5.18 4.29
C ALA B 127 13.03 -5.30 2.81
N GLY B 128 12.09 -6.23 2.52
CA GLY B 128 11.55 -6.54 1.22
C GLY B 128 10.41 -5.54 0.91
N HIS B 129 9.71 -5.80 -0.18
CA HIS B 129 8.65 -4.95 -0.66
C HIS B 129 7.60 -4.58 0.36
N GLU B 130 7.26 -5.54 1.18
CA GLU B 130 6.30 -5.36 2.23
C GLU B 130 7.03 -5.19 3.54
N VAL B 131 7.42 -3.94 3.76
CA VAL B 131 8.17 -3.63 4.94
C VAL B 131 7.64 -4.16 6.29
N PRO B 132 6.35 -4.13 6.54
CA PRO B 132 5.86 -4.57 7.86
C PRO B 132 5.81 -6.06 8.08
N LEU B 133 5.97 -6.76 6.97
CA LEU B 133 6.05 -8.18 6.95
C LEU B 133 7.51 -8.56 7.28
N HIS B 134 8.46 -8.02 6.50
CA HIS B 134 9.86 -8.34 6.70
C HIS B 134 10.55 -7.70 7.92
N ARG B 135 10.27 -6.44 8.25
CA ARG B 135 10.88 -5.73 9.36
C ARG B 135 9.85 -4.95 10.19
N PRO B 136 8.96 -5.71 10.75
CA PRO B 136 7.85 -5.28 11.61
C PRO B 136 8.19 -4.25 12.64
N ARG B 137 9.16 -4.58 13.42
CA ARG B 137 9.57 -3.65 14.46
C ARG B 137 10.09 -2.33 13.89
N GLN B 138 10.84 -2.42 12.83
CA GLN B 138 11.36 -1.22 12.23
C GLN B 138 10.26 -0.40 11.59
N ALA B 139 9.36 -1.12 10.92
CA ALA B 139 8.20 -0.53 10.29
C ALA B 139 7.39 0.31 11.30
N LEU B 140 7.21 -0.24 12.49
CA LEU B 140 6.50 0.50 13.50
C LEU B 140 7.17 1.78 13.98
N VAL B 141 8.47 1.75 14.05
CA VAL B 141 9.17 2.92 14.49
C VAL B 141 8.98 4.04 13.49
N LEU B 142 9.12 3.64 12.27
CA LEU B 142 8.91 4.51 11.14
C LEU B 142 7.53 5.15 11.24
N PHE B 143 6.55 4.29 11.46
CA PHE B 143 5.19 4.79 11.58
C PHE B 143 5.06 5.83 12.68
N GLN B 144 5.56 5.51 13.89
CA GLN B 144 5.48 6.48 14.95
C GLN B 144 6.20 7.76 14.63
N TYR B 145 7.33 7.69 13.95
CA TYR B 145 8.02 8.94 13.76
C TYR B 145 7.32 9.82 12.82
N PHE B 146 6.85 9.17 11.79
CA PHE B 146 6.15 9.85 10.76
C PHE B 146 4.97 10.58 11.36
N LEU B 147 4.24 9.83 12.20
CA LEU B 147 3.06 10.40 12.82
C LEU B 147 3.43 11.56 13.63
N GLN B 148 4.63 11.57 14.14
CA GLN B 148 5.06 12.67 14.96
C GLN B 148 5.69 13.78 14.16
N GLY B 149 6.10 13.51 12.92
CA GLY B 149 6.72 14.61 12.17
C GLY B 149 8.16 14.86 12.59
N LYS B 150 8.68 13.83 13.25
CA LYS B 150 10.06 13.80 13.71
C LYS B 150 10.88 12.84 12.89
N PRO B 151 12.07 13.31 12.56
CA PRO B 151 13.10 12.62 11.83
C PRO B 151 13.52 11.37 12.56
N MET B 152 13.94 10.36 11.79
CA MET B 152 14.38 9.12 12.37
C MET B 152 15.58 9.42 13.27
N PRO B 153 15.68 8.73 14.41
CA PRO B 153 16.72 8.84 15.47
C PRO B 153 18.16 8.25 15.18
N GLY B 154 19.27 8.84 15.78
CA GLY B 154 20.70 8.43 15.62
C GLY B 154 21.45 8.19 16.95
N VAL C 3 2.84 -7.56 -10.67
CA VAL C 3 1.92 -6.79 -9.76
C VAL C 3 2.72 -5.77 -8.83
#